data_5AV0
#
_entry.id   5AV0
#
_cell.length_a   46.732
_cell.length_b   62.087
_cell.length_c   88.101
_cell.angle_alpha   90.00
_cell.angle_beta   90.00
_cell.angle_gamma   90.00
#
_symmetry.space_group_name_H-M   'P 21 21 21'
#
loop_
_entity.id
_entity.type
_entity.pdbx_description
1 polymer 'Death-associated protein kinase 1'
2 non-polymer 3-(3,4-dihydroxyphenyl)-7-hydroxy-4H-chromen-4-one
3 water water
#
_entity_poly.entity_id   1
_entity_poly.type   'polypeptide(L)'
_entity_poly.pdbx_seq_one_letter_code
;MTVFRQENVDDYYDTGEELGSGQFAVVKKCREKSTGLQYAAKFIKKRRTKSSRRGVSREDIEREVSILKEIQHPNVITLH
EVYENKTDVILILELVAGGELFDFLAEKESLTEEEATEFLKQILNGVYYLHSLQIAHFDLKPENIMLLDRNVPKPRIKII
DFGLAHKIDFGNEFKNIFGTPEFVAPEIVNYEPLGLEADMWSIGVITYILLSGASPFLGDTKQETLANVSAVNYEFEDEY
FSNTSALAKDFIRRLLVKDPKKRMTIQDSLQHPWIKPKDTQQALSLEHHHHHH
;
_entity_poly.pdbx_strand_id   A
#
# COMPACT_ATOMS: atom_id res chain seq x y z
N THR A 2 -19.41 10.45 -11.91
CA THR A 2 -18.49 10.53 -13.03
C THR A 2 -18.52 9.25 -13.85
N VAL A 3 -18.45 9.39 -15.17
CA VAL A 3 -18.50 8.22 -16.04
C VAL A 3 -17.18 8.05 -16.77
N PHE A 4 -16.91 6.84 -17.24
CA PHE A 4 -15.64 6.56 -17.89
C PHE A 4 -15.83 6.08 -19.33
N ARG A 5 -14.73 5.87 -20.04
CA ARG A 5 -14.79 5.46 -21.45
C ARG A 5 -15.52 4.11 -21.59
N GLN A 6 -16.58 4.09 -22.36
CA GLN A 6 -17.38 2.86 -22.45
C GLN A 6 -17.19 2.09 -23.75
N GLU A 7 -16.09 2.34 -24.46
CA GLU A 7 -15.74 1.50 -25.58
C GLU A 7 -15.12 0.21 -25.05
N ASN A 8 -15.20 -0.86 -25.82
CA ASN A 8 -14.57 -2.12 -25.42
C ASN A 8 -13.06 -1.92 -25.27
N VAL A 9 -12.54 -2.25 -24.10
CA VAL A 9 -11.13 -2.07 -23.83
C VAL A 9 -10.28 -2.90 -24.80
N ASP A 10 -10.80 -4.04 -25.22
CA ASP A 10 -10.06 -4.92 -26.12
C ASP A 10 -9.93 -4.35 -27.54
N ASP A 11 -10.67 -3.28 -27.83
CA ASP A 11 -10.53 -2.60 -29.12
C ASP A 11 -9.30 -1.68 -29.13
N TYR A 12 -8.72 -1.47 -27.95
CA TYR A 12 -7.60 -0.55 -27.80
C TYR A 12 -6.38 -1.18 -27.14
N TYR A 13 -6.58 -2.27 -26.41
CA TYR A 13 -5.49 -2.96 -25.72
C TYR A 13 -5.53 -4.46 -25.98
N ASP A 14 -4.35 -5.08 -25.97
CA ASP A 14 -4.24 -6.54 -25.91
C ASP A 14 -3.71 -6.91 -24.54
N THR A 15 -4.36 -7.86 -23.88
CA THR A 15 -3.94 -8.26 -22.55
C THR A 15 -3.02 -9.48 -22.61
N GLY A 16 -2.27 -9.70 -21.53
CA GLY A 16 -1.33 -10.80 -21.46
C GLY A 16 -1.32 -11.45 -20.09
N GLU A 17 -0.14 -11.53 -19.50
CA GLU A 17 0.05 -12.23 -18.22
C GLU A 17 -0.71 -11.58 -17.07
N GLU A 18 -1.23 -12.39 -16.17
CA GLU A 18 -1.88 -11.89 -14.98
C GLU A 18 -0.84 -11.45 -13.96
N LEU A 19 -1.07 -10.31 -13.31
CA LEU A 19 -0.08 -9.75 -12.40
C LEU A 19 -0.53 -9.80 -10.95
N GLY A 20 -1.82 -10.02 -10.76
CA GLY A 20 -2.39 -10.02 -9.42
C GLY A 20 -3.89 -10.24 -9.45
N SER A 21 -4.40 -10.81 -8.38
CA SER A 21 -5.80 -11.16 -8.28
C SER A 21 -6.23 -11.04 -6.84
N GLY A 22 -7.21 -10.17 -6.59
CA GLY A 22 -7.73 -9.99 -5.25
C GLY A 22 -9.18 -10.37 -5.16
N GLN A 23 -9.85 -9.85 -4.14
CA GLN A 23 -11.24 -10.20 -3.85
C GLN A 23 -12.25 -9.70 -4.92
N PHE A 24 -12.06 -8.47 -5.39
CA PHE A 24 -12.96 -7.92 -6.40
C PHE A 24 -12.24 -7.43 -7.66
N ALA A 25 -10.93 -7.64 -7.72
CA ALA A 25 -10.14 -7.16 -8.86
C ALA A 25 -9.12 -8.18 -9.35
N VAL A 26 -8.84 -8.14 -10.65
CA VAL A 26 -7.78 -8.94 -11.24
C VAL A 26 -6.97 -7.99 -12.11
N VAL A 27 -5.65 -8.14 -12.08
CA VAL A 27 -4.77 -7.24 -12.83
C VAL A 27 -4.02 -8.00 -13.92
N LYS A 28 -4.10 -7.51 -15.15
CA LYS A 28 -3.49 -8.16 -16.31
C LYS A 28 -2.55 -7.20 -17.04
N LYS A 29 -1.37 -7.69 -17.37
CA LYS A 29 -0.45 -6.98 -18.23
C LYS A 29 -1.16 -6.69 -19.55
N CYS A 30 -0.93 -5.51 -20.12
CA CYS A 30 -1.54 -5.21 -21.41
C CYS A 30 -0.68 -4.30 -22.26
N ARG A 31 -1.06 -4.19 -23.53
CA ARG A 31 -0.32 -3.38 -24.48
C ARG A 31 -1.26 -2.53 -25.30
N GLU A 32 -1.04 -1.21 -25.28
CA GLU A 32 -1.87 -0.29 -26.07
C GLU A 32 -1.54 -0.44 -27.54
N LYS A 33 -2.57 -0.68 -28.35
CA LYS A 33 -2.40 -0.90 -29.79
C LYS A 33 -1.80 0.30 -30.53
N SER A 34 -2.25 1.50 -30.18
CA SER A 34 -1.84 2.69 -30.92
C SER A 34 -0.39 3.13 -30.66
N THR A 35 0.20 2.71 -29.53
CA THR A 35 1.53 3.20 -29.15
C THR A 35 2.56 2.09 -28.91
N GLY A 36 2.08 0.87 -28.73
CA GLY A 36 2.96 -0.24 -28.38
C GLY A 36 3.36 -0.23 -26.93
N LEU A 37 2.91 0.78 -26.19
CA LEU A 37 3.30 0.92 -24.79
C LEU A 37 2.54 -0.04 -23.89
N GLN A 38 3.21 -0.50 -22.84
CA GLN A 38 2.66 -1.53 -21.97
C GLN A 38 2.15 -0.96 -20.65
N TYR A 39 1.07 -1.54 -20.14
CA TYR A 39 0.43 -1.06 -18.92
C TYR A 39 -0.03 -2.25 -18.10
N ALA A 40 -0.71 -1.96 -16.98
CA ALA A 40 -1.36 -3.01 -16.21
C ALA A 40 -2.85 -2.68 -16.11
N ALA A 41 -3.69 -3.57 -16.64
CA ALA A 41 -5.14 -3.34 -16.60
C ALA A 41 -5.78 -3.96 -15.37
N LYS A 42 -6.36 -3.12 -14.51
CA LYS A 42 -7.01 -3.57 -13.29
C LYS A 42 -8.52 -3.64 -13.52
N PHE A 43 -9.04 -4.86 -13.55
CA PHE A 43 -10.46 -5.07 -13.80
C PHE A 43 -11.18 -5.18 -12.46
N ILE A 44 -11.98 -4.16 -12.13
CA ILE A 44 -12.65 -4.13 -10.83
C ILE A 44 -14.15 -4.45 -10.99
N LYS A 45 -14.61 -5.50 -10.32
CA LYS A 45 -16.01 -5.91 -10.45
C LYS A 45 -16.95 -4.89 -9.81
N LYS A 46 -17.94 -4.43 -10.57
CA LYS A 46 -18.93 -3.49 -10.08
C LYS A 46 -19.99 -4.19 -9.24
N ARG A 47 -20.58 -3.45 -8.31
CA ARG A 47 -21.73 -3.95 -7.56
C ARG A 47 -22.92 -4.08 -8.50
N ARG A 48 -23.64 -5.19 -8.39
CA ARG A 48 -24.78 -5.45 -9.28
C ARG A 48 -26.11 -4.92 -8.72
N THR A 49 -26.19 -4.73 -7.42
CA THR A 49 -27.36 -4.11 -6.79
C THR A 49 -26.93 -3.14 -5.71
N LYS A 50 -27.83 -2.27 -5.30
CA LYS A 50 -27.55 -1.28 -4.26
C LYS A 50 -27.01 -1.92 -2.98
N SER A 51 -27.76 -2.87 -2.43
CA SER A 51 -27.42 -3.47 -1.14
C SER A 51 -26.53 -4.71 -1.24
N SER A 52 -26.05 -5.03 -2.44
CA SER A 52 -25.16 -6.18 -2.61
C SER A 52 -23.87 -6.03 -1.81
N ARG A 53 -23.15 -7.13 -1.65
CA ARG A 53 -21.93 -7.15 -0.86
C ARG A 53 -20.74 -7.72 -1.64
N ARG A 54 -21.03 -8.30 -2.80
CA ARG A 54 -19.98 -8.63 -3.77
C ARG A 54 -19.72 -7.41 -4.63
N GLY A 55 -18.50 -7.26 -5.12
CA GLY A 55 -18.16 -6.14 -5.98
C GLY A 55 -17.93 -4.84 -5.23
N VAL A 56 -17.47 -3.83 -5.95
CA VAL A 56 -17.13 -2.54 -5.35
C VAL A 56 -18.17 -1.49 -5.70
N SER A 57 -18.59 -0.68 -4.71
CA SER A 57 -19.59 0.35 -4.92
C SER A 57 -19.02 1.44 -5.83
N ARG A 58 -19.89 2.07 -6.62
CA ARG A 58 -19.43 3.10 -7.54
C ARG A 58 -18.75 4.24 -6.78
N GLU A 59 -19.33 4.59 -5.63
CA GLU A 59 -18.76 5.61 -4.76
C GLU A 59 -17.31 5.29 -4.41
N ASP A 60 -17.05 4.02 -4.10
CA ASP A 60 -15.70 3.59 -3.77
C ASP A 60 -14.78 3.61 -5.00
N ILE A 61 -15.31 3.22 -6.16
CA ILE A 61 -14.51 3.23 -7.38
C ILE A 61 -14.20 4.66 -7.79
N GLU A 62 -15.20 5.53 -7.68
CA GLU A 62 -15.01 6.93 -8.03
C GLU A 62 -14.00 7.64 -7.13
N ARG A 63 -13.96 7.25 -5.86
CA ARG A 63 -12.99 7.84 -4.94
C ARG A 63 -11.58 7.39 -5.33
N GLU A 64 -11.45 6.10 -5.61
CA GLU A 64 -10.17 5.52 -6.04
C GLU A 64 -9.64 6.20 -7.30
N VAL A 65 -10.52 6.34 -8.31
CA VAL A 65 -10.12 7.00 -9.55
C VAL A 65 -9.71 8.46 -9.34
N SER A 66 -10.52 9.19 -8.55
CA SER A 66 -10.23 10.59 -8.28
C SER A 66 -8.87 10.76 -7.60
N ILE A 67 -8.58 9.90 -6.64
CA ILE A 67 -7.27 9.93 -5.97
C ILE A 67 -6.15 9.58 -6.93
N LEU A 68 -6.30 8.48 -7.67
CA LEU A 68 -5.29 8.06 -8.64
C LEU A 68 -4.96 9.15 -9.66
N LYS A 69 -5.98 9.91 -10.07
CA LYS A 69 -5.77 10.96 -11.07
C LYS A 69 -4.87 12.10 -10.58
N GLU A 70 -4.80 12.28 -9.26
CA GLU A 70 -3.96 13.34 -8.68
C GLU A 70 -2.48 13.00 -8.71
N ILE A 71 -2.17 11.72 -8.81
CA ILE A 71 -0.82 11.24 -8.53
C ILE A 71 0.15 11.28 -9.71
N GLN A 72 1.28 11.97 -9.51
CA GLN A 72 2.44 11.85 -10.37
C GLN A 72 3.70 11.95 -9.52
N HIS A 73 4.32 10.79 -9.27
CA HIS A 73 5.51 10.69 -8.43
C HIS A 73 6.18 9.38 -8.76
N PRO A 74 7.52 9.36 -8.80
CA PRO A 74 8.30 8.17 -9.17
C PRO A 74 8.05 6.96 -8.26
N ASN A 75 7.62 7.17 -7.02
CA ASN A 75 7.44 6.05 -6.10
C ASN A 75 5.98 5.66 -5.88
N VAL A 76 5.09 6.17 -6.73
CA VAL A 76 3.68 5.85 -6.61
C VAL A 76 3.14 5.48 -8.00
N ILE A 77 2.28 4.46 -8.05
CA ILE A 77 1.67 4.02 -9.30
C ILE A 77 0.86 5.16 -9.94
N THR A 78 0.85 5.22 -11.28
CA THR A 78 0.10 6.26 -11.98
C THR A 78 -1.03 5.68 -12.81
N LEU A 79 -2.03 6.51 -13.10
CA LEU A 79 -3.19 6.10 -13.86
C LEU A 79 -3.13 6.69 -15.26
N HIS A 80 -3.29 5.84 -16.26
CA HIS A 80 -3.23 6.26 -17.66
C HIS A 80 -4.61 6.53 -18.24
N GLU A 81 -5.54 5.61 -18.00
CA GLU A 81 -6.87 5.68 -18.59
C GLU A 81 -7.86 4.90 -17.74
N VAL A 82 -9.15 5.23 -17.85
CA VAL A 82 -10.19 4.44 -17.21
C VAL A 82 -11.28 4.07 -18.23
N TYR A 83 -11.63 2.78 -18.26
CA TYR A 83 -12.74 2.29 -19.08
C TYR A 83 -13.77 1.68 -18.16
N GLU A 84 -15.00 1.54 -18.66
CA GLU A 84 -15.99 0.78 -17.91
C GLU A 84 -17.00 0.12 -18.84
N ASN A 85 -17.63 -0.92 -18.33
CA ASN A 85 -18.78 -1.52 -18.98
C ASN A 85 -19.73 -1.93 -17.85
N LYS A 86 -20.72 -2.76 -18.16
CA LYS A 86 -21.74 -3.09 -17.17
C LYS A 86 -21.19 -3.89 -15.99
N THR A 87 -20.11 -4.63 -16.24
CA THR A 87 -19.59 -5.59 -15.27
C THR A 87 -18.42 -5.03 -14.45
N ASP A 88 -17.53 -4.28 -15.10
CA ASP A 88 -16.29 -3.83 -14.49
C ASP A 88 -15.99 -2.36 -14.73
N VAL A 89 -15.18 -1.78 -13.85
CA VAL A 89 -14.41 -0.58 -14.20
C VAL A 89 -13.00 -1.10 -14.47
N ILE A 90 -12.37 -0.63 -15.53
CA ILE A 90 -11.01 -1.07 -15.86
C ILE A 90 -10.03 0.09 -15.77
N LEU A 91 -9.11 0.02 -14.80
CA LEU A 91 -8.07 1.03 -14.64
C LEU A 91 -6.86 0.64 -15.46
N ILE A 92 -6.47 1.50 -16.40
CA ILE A 92 -5.23 1.27 -17.13
C ILE A 92 -4.12 1.96 -16.34
N LEU A 93 -3.34 1.16 -15.62
CA LEU A 93 -2.32 1.68 -14.71
C LEU A 93 -0.93 1.49 -15.27
N GLU A 94 0.01 2.30 -14.76
CA GLU A 94 1.42 2.13 -15.07
C GLU A 94 1.83 0.69 -14.79
N LEU A 95 2.63 0.11 -15.68
CA LEU A 95 3.12 -1.25 -15.50
C LEU A 95 4.36 -1.29 -14.61
N VAL A 96 4.32 -2.11 -13.57
CA VAL A 96 5.49 -2.37 -12.73
C VAL A 96 5.68 -3.88 -12.75
N ALA A 97 6.80 -4.34 -13.33
CA ALA A 97 6.95 -5.73 -13.73
C ALA A 97 7.89 -6.58 -12.87
N GLY A 98 8.46 -6.00 -11.81
CA GLY A 98 9.41 -6.71 -10.97
C GLY A 98 8.82 -7.43 -9.77
N GLY A 99 7.50 -7.55 -9.75
CA GLY A 99 6.83 -8.29 -8.69
C GLY A 99 6.72 -7.57 -7.35
N GLU A 100 6.01 -8.20 -6.42
CA GLU A 100 5.79 -7.63 -5.09
C GLU A 100 7.04 -7.62 -4.22
N LEU A 101 7.14 -6.62 -3.36
CA LEU A 101 8.18 -6.59 -2.35
C LEU A 101 8.00 -7.82 -1.46
N PHE A 102 6.76 -8.22 -1.24
CA PHE A 102 6.45 -9.42 -0.45
C PHE A 102 7.16 -10.67 -0.97
N ASP A 103 7.00 -10.95 -2.27
CA ASP A 103 7.62 -12.12 -2.89
C ASP A 103 9.13 -11.94 -2.95
N PHE A 104 9.57 -10.70 -3.12
CA PHE A 104 10.99 -10.40 -3.14
C PHE A 104 11.60 -10.74 -1.79
N LEU A 105 10.94 -10.34 -0.71
CA LEU A 105 11.43 -10.60 0.65
C LEU A 105 11.50 -12.10 0.93
N ALA A 106 10.61 -12.86 0.30
CA ALA A 106 10.58 -14.31 0.47
C ALA A 106 11.79 -15.00 -0.18
N GLU A 107 12.39 -14.36 -1.17
CA GLU A 107 13.63 -14.89 -1.73
C GLU A 107 14.81 -14.65 -0.78
N LYS A 108 15.17 -13.38 -0.61
CA LYS A 108 16.32 -12.99 0.21
C LYS A 108 16.25 -13.51 1.65
N SER A 110 15.48 -11.90 5.15
CA SER A 110 15.88 -10.68 5.85
C SER A 110 16.88 -9.87 5.03
N LEU A 111 16.88 -8.56 5.23
CA LEU A 111 17.77 -7.67 4.52
C LEU A 111 18.76 -7.04 5.49
N THR A 112 19.84 -6.50 4.96
CA THR A 112 20.74 -5.68 5.76
C THR A 112 20.02 -4.36 6.05
N GLU A 113 20.54 -3.56 6.99
CA GLU A 113 19.95 -2.26 7.26
C GLU A 113 20.05 -1.33 6.06
N GLU A 114 21.16 -1.43 5.32
CA GLU A 114 21.32 -0.61 4.12
C GLU A 114 20.27 -0.99 3.07
N GLU A 115 20.07 -2.29 2.87
CA GLU A 115 19.07 -2.76 1.91
C GLU A 115 17.68 -2.38 2.35
N ALA A 116 17.40 -2.54 3.64
CA ALA A 116 16.11 -2.14 4.19
C ALA A 116 15.82 -0.65 3.99
N THR A 117 16.81 0.19 4.31
CA THR A 117 16.66 1.63 4.16
C THR A 117 16.57 2.06 2.70
N GLU A 118 17.13 1.25 1.80
CA GLU A 118 17.02 1.49 0.36
C GLU A 118 15.56 1.51 -0.08
N PHE A 119 14.79 0.52 0.38
CA PHE A 119 13.36 0.44 0.10
C PHE A 119 12.59 1.47 0.90
N LEU A 120 12.88 1.51 2.21
CA LEU A 120 12.17 2.39 3.13
C LEU A 120 12.18 3.84 2.68
N LYS A 121 13.35 4.33 2.30
CA LYS A 121 13.45 5.72 1.85
C LYS A 121 12.54 6.01 0.66
N GLN A 122 12.43 5.08 -0.27
CA GLN A 122 11.52 5.23 -1.41
C GLN A 122 10.07 5.19 -0.97
N ILE A 123 9.78 4.27 -0.06
CA ILE A 123 8.44 4.18 0.51
C ILE A 123 8.11 5.48 1.25
N LEU A 124 9.05 5.97 2.04
CA LEU A 124 8.83 7.23 2.76
C LEU A 124 8.66 8.42 1.82
N ASN A 125 9.42 8.46 0.73
CA ASN A 125 9.26 9.55 -0.24
C ASN A 125 7.90 9.50 -0.90
N GLY A 126 7.45 8.30 -1.23
CA GLY A 126 6.13 8.12 -1.82
C GLY A 126 5.01 8.48 -0.86
N VAL A 127 5.14 8.09 0.41
CA VAL A 127 4.13 8.41 1.40
C VAL A 127 4.17 9.90 1.75
N TYR A 128 5.35 10.50 1.66
CA TYR A 128 5.49 11.93 1.92
C TYR A 128 4.68 12.71 0.89
N TYR A 129 4.83 12.30 -0.36
CA TYR A 129 4.04 12.85 -1.46
C TYR A 129 2.55 12.70 -1.18
N LEU A 130 2.11 11.49 -0.86
CA LEU A 130 0.69 11.22 -0.65
C LEU A 130 0.13 12.06 0.51
N HIS A 131 0.82 12.02 1.64
CA HIS A 131 0.35 12.74 2.82
C HIS A 131 0.39 14.25 2.63
N SER A 132 1.34 14.74 1.82
CA SER A 132 1.34 16.16 1.47
C SER A 132 0.06 16.53 0.72
N LEU A 133 -0.52 15.57 0.00
CA LEU A 133 -1.77 15.82 -0.72
C LEU A 133 -2.99 15.42 0.11
N GLN A 134 -2.75 15.19 1.40
CA GLN A 134 -3.79 14.74 2.34
C GLN A 134 -4.44 13.41 1.93
N ILE A 135 -3.66 12.57 1.25
CA ILE A 135 -4.12 11.25 0.84
C ILE A 135 -3.60 10.21 1.84
N ALA A 136 -4.52 9.54 2.51
CA ALA A 136 -4.16 8.38 3.33
C ALA A 136 -4.36 7.13 2.49
N HIS A 137 -3.35 6.27 2.45
CA HIS A 137 -3.38 5.07 1.61
C HIS A 137 -4.25 3.99 2.26
N PHE A 138 -4.02 3.76 3.55
CA PHE A 138 -4.78 2.83 4.38
C PHE A 138 -4.57 1.34 4.05
N ASP A 139 -3.67 1.02 3.14
CA ASP A 139 -3.42 -0.39 2.82
C ASP A 139 -1.94 -0.67 2.54
N LEU A 140 -1.07 -0.01 3.29
CA LEU A 140 0.37 -0.20 3.12
C LEU A 140 0.80 -1.55 3.69
N LYS A 141 1.42 -2.37 2.83
CA LYS A 141 1.97 -3.67 3.21
C LYS A 141 2.91 -4.12 2.09
N PRO A 142 3.78 -5.10 2.35
CA PRO A 142 4.72 -5.56 1.33
C PRO A 142 4.09 -6.03 0.02
N GLU A 143 2.87 -6.56 0.06
CA GLU A 143 2.21 -6.97 -1.19
C GLU A 143 1.76 -5.77 -2.03
N ASN A 144 1.69 -4.59 -1.41
CA ASN A 144 1.31 -3.38 -2.13
C ASN A 144 2.48 -2.45 -2.46
N ILE A 145 3.69 -3.00 -2.45
CA ILE A 145 4.88 -2.29 -2.89
C ILE A 145 5.44 -3.13 -4.03
N MET A 146 5.58 -2.54 -5.21
CA MET A 146 5.99 -3.28 -6.40
C MET A 146 7.37 -2.81 -6.87
N LEU A 147 8.20 -3.75 -7.33
CA LEU A 147 9.53 -3.39 -7.83
C LEU A 147 9.48 -3.21 -9.34
N LEU A 148 10.24 -2.25 -9.86
CA LEU A 148 10.32 -2.06 -11.32
C LEU A 148 11.11 -3.21 -11.93
N ASP A 149 12.19 -3.56 -11.26
CA ASP A 149 13.11 -4.60 -11.71
C ASP A 149 13.71 -5.25 -10.47
N ARG A 150 13.39 -6.52 -10.23
CA ARG A 150 13.81 -7.20 -9.03
C ARG A 150 15.22 -7.78 -9.16
N ASN A 151 15.81 -7.63 -10.36
CA ASN A 151 17.13 -8.17 -10.63
C ASN A 151 18.23 -7.11 -10.69
N VAL A 152 18.12 -6.11 -9.81
CA VAL A 152 19.15 -5.08 -9.67
C VAL A 152 19.47 -4.94 -8.17
N PRO A 153 20.69 -4.50 -7.83
CA PRO A 153 21.13 -4.47 -6.43
C PRO A 153 20.28 -3.54 -5.56
N LYS A 154 19.77 -2.47 -6.17
CA LYS A 154 18.97 -1.48 -5.47
C LYS A 154 17.69 -1.18 -6.22
N PRO A 155 16.70 -2.09 -6.11
CA PRO A 155 15.44 -2.01 -6.86
C PRO A 155 14.68 -0.73 -6.59
N ARG A 156 14.04 -0.18 -7.62
CA ARG A 156 13.19 0.98 -7.45
C ARG A 156 11.76 0.49 -7.24
N ILE A 157 11.01 1.16 -6.37
CA ILE A 157 9.68 0.66 -6.01
C ILE A 157 8.57 1.67 -6.26
N LYS A 158 7.35 1.16 -6.36
CA LYS A 158 6.17 2.00 -6.46
C LYS A 158 5.05 1.47 -5.57
N ILE A 159 4.39 2.40 -4.87
CA ILE A 159 3.25 2.05 -4.03
C ILE A 159 2.02 1.87 -4.93
N ILE A 160 1.32 0.75 -4.75
CA ILE A 160 0.13 0.45 -5.54
C ILE A 160 -1.10 0.23 -4.65
N ASP A 161 -2.22 -0.08 -5.30
CA ASP A 161 -3.48 -0.44 -4.64
C ASP A 161 -4.11 0.70 -3.81
N PHE A 162 -4.85 1.55 -4.50
CA PHE A 162 -5.50 2.67 -3.83
C PHE A 162 -6.97 2.41 -3.52
N GLY A 163 -7.31 1.14 -3.36
CA GLY A 163 -8.68 0.72 -3.14
C GLY A 163 -9.25 1.15 -1.80
N LEU A 164 -8.37 1.46 -0.84
CA LEU A 164 -8.86 1.90 0.47
C LEU A 164 -8.46 3.35 0.75
N ALA A 165 -7.72 3.96 -0.17
CA ALA A 165 -7.23 5.32 0.00
C ALA A 165 -8.33 6.36 0.20
N HIS A 166 -8.09 7.32 1.09
CA HIS A 166 -9.04 8.43 1.32
C HIS A 166 -8.34 9.76 1.42
N LYS A 167 -8.98 10.81 0.92
CA LYS A 167 -8.52 12.18 1.16
C LYS A 167 -8.94 12.57 2.58
N ILE A 168 -8.00 13.09 3.36
CA ILE A 168 -8.27 13.48 4.73
C ILE A 168 -8.31 15.01 4.82
N ASP A 169 -9.46 15.60 4.51
CA ASP A 169 -9.55 17.06 4.47
C ASP A 169 -9.85 17.70 5.82
N PHE A 170 -10.24 16.89 6.80
CA PHE A 170 -10.51 17.39 8.15
C PHE A 170 -9.58 16.80 9.22
N GLY A 171 -8.39 16.38 8.83
CA GLY A 171 -7.45 15.84 9.79
C GLY A 171 -7.80 14.42 10.22
N ASN A 172 -9.09 14.10 10.20
CA ASN A 172 -9.51 12.72 10.42
C ASN A 172 -10.75 12.35 9.62
N GLU A 173 -11.01 11.05 9.56
CA GLU A 173 -12.05 10.49 8.72
C GLU A 173 -12.76 9.40 9.53
N PHE A 174 -14.06 9.22 9.33
CA PHE A 174 -14.81 8.22 10.13
C PHE A 174 -15.70 7.32 9.26
N LYS A 175 -15.09 6.40 8.52
CA LYS A 175 -15.86 5.46 7.71
C LYS A 175 -15.56 4.01 8.07
N ASN A 176 -16.20 3.12 7.32
CA ASN A 176 -15.83 1.72 7.31
C ASN A 176 -14.53 1.56 6.53
N ILE A 177 -13.42 1.56 7.25
CA ILE A 177 -12.11 1.32 6.64
C ILE A 177 -11.38 0.32 7.51
N PHE A 178 -10.89 -0.74 6.88
CA PHE A 178 -10.27 -1.85 7.59
C PHE A 178 -9.52 -2.72 6.59
N GLY A 179 -8.20 -2.79 6.73
CA GLY A 179 -7.37 -3.58 5.84
C GLY A 179 -6.91 -4.89 6.46
N THR A 180 -5.63 -5.22 6.24
CA THR A 180 -5.03 -6.47 6.67
C THR A 180 -4.55 -6.40 8.13
N PRO A 181 -5.09 -7.25 9.00
CA PRO A 181 -4.85 -7.26 10.46
C PRO A 181 -3.38 -7.05 10.85
N GLU A 182 -2.44 -7.73 10.20
CA GLU A 182 -1.03 -7.57 10.54
C GLU A 182 -0.49 -6.15 10.36
N PHE A 183 -1.15 -5.36 9.52
CA PHE A 183 -0.62 -4.04 9.16
C PHE A 183 -1.46 -2.86 9.60
N VAL A 184 -2.64 -3.12 10.16
CA VAL A 184 -3.53 -2.03 10.57
C VAL A 184 -3.16 -1.45 11.94
N ALA A 185 -3.35 -0.14 12.07
CA ALA A 185 -3.07 0.56 13.32
C ALA A 185 -4.15 0.30 14.35
N PRO A 186 -3.85 0.52 15.64
CA PRO A 186 -4.86 0.31 16.68
C PRO A 186 -6.16 1.11 16.47
N GLU A 187 -6.08 2.33 15.94
CA GLU A 187 -7.29 3.14 15.74
C GLU A 187 -8.25 2.48 14.73
N ILE A 188 -7.69 1.80 13.74
CA ILE A 188 -8.49 1.00 12.81
C ILE A 188 -9.11 -0.20 13.53
N VAL A 189 -8.32 -0.87 14.35
CA VAL A 189 -8.81 -2.03 15.11
C VAL A 189 -9.95 -1.62 16.04
N ASN A 190 -9.82 -0.44 16.63
CA ASN A 190 -10.79 0.07 17.60
C ASN A 190 -11.89 0.92 17.00
N TYR A 191 -11.90 1.02 15.66
CA TYR A 191 -12.93 1.77 14.92
C TYR A 191 -13.01 3.23 15.34
N GLU A 192 -11.85 3.85 15.49
CA GLU A 192 -11.79 5.26 15.84
C GLU A 192 -11.57 6.08 14.58
N PRO A 193 -11.79 7.41 14.68
CA PRO A 193 -11.47 8.30 13.56
C PRO A 193 -10.05 8.06 13.09
N LEU A 194 -9.85 8.05 11.77
CA LEU A 194 -8.57 7.70 11.15
C LEU A 194 -8.00 8.89 10.38
N GLY A 195 -6.68 9.01 10.37
CA GLY A 195 -6.02 10.06 9.61
C GLY A 195 -4.75 9.53 8.98
N LEU A 196 -3.83 10.45 8.67
CA LEU A 196 -2.57 10.09 8.02
C LEU A 196 -1.69 9.21 8.90
N GLU A 197 -1.92 9.26 10.21
CA GLU A 197 -1.09 8.55 11.18
C GLU A 197 -1.14 7.03 11.01
N ALA A 198 -2.27 6.51 10.55
CA ALA A 198 -2.43 5.08 10.41
C ALA A 198 -1.40 4.51 9.42
N ASP A 199 -1.12 5.25 8.35
CA ASP A 199 -0.10 4.85 7.38
C ASP A 199 1.28 4.72 8.03
N MET A 200 1.57 5.60 8.99
CA MET A 200 2.88 5.60 9.63
C MET A 200 3.09 4.35 10.49
N TRP A 201 2.02 3.89 11.15
CA TRP A 201 2.06 2.64 11.89
C TRP A 201 2.42 1.50 10.94
N SER A 202 1.69 1.41 9.83
CA SER A 202 1.93 0.38 8.83
C SER A 202 3.38 0.36 8.35
N ILE A 203 3.97 1.55 8.24
CA ILE A 203 5.38 1.69 7.86
C ILE A 203 6.29 1.09 8.94
N GLY A 204 5.92 1.27 10.21
CA GLY A 204 6.66 0.65 11.30
C GLY A 204 6.63 -0.87 11.20
N VAL A 205 5.47 -1.41 10.85
CA VAL A 205 5.30 -2.86 10.71
C VAL A 205 6.13 -3.37 9.54
N ILE A 206 6.05 -2.67 8.41
CA ILE A 206 6.86 -2.99 7.25
C ILE A 206 8.35 -2.98 7.59
N THR A 207 8.78 -1.97 8.34
CA THR A 207 10.19 -1.86 8.71
C THR A 207 10.65 -3.02 9.57
N TYR A 208 9.81 -3.40 10.53
CA TYR A 208 10.07 -4.57 11.38
C TYR A 208 10.27 -5.84 10.53
N ILE A 209 9.38 -6.05 9.56
CA ILE A 209 9.45 -7.23 8.69
C ILE A 209 10.69 -7.20 7.79
N LEU A 210 11.00 -6.03 7.22
CA LEU A 210 12.19 -5.88 6.39
C LEU A 210 13.47 -6.30 7.11
N LEU A 211 13.58 -5.90 8.38
CA LEU A 211 14.78 -6.18 9.19
C LEU A 211 14.86 -7.59 9.76
N SER A 212 13.73 -8.22 10.02
CA SER A 212 13.72 -9.47 10.77
C SER A 212 13.18 -10.65 9.97
N GLY A 213 12.34 -10.36 8.99
CA GLY A 213 11.66 -11.41 8.25
C GLY A 213 10.46 -11.96 9.00
N ALA A 214 10.15 -11.36 10.14
CA ALA A 214 9.01 -11.80 10.96
C ALA A 214 7.98 -10.68 11.10
N SER A 215 6.72 -11.05 11.35
CA SER A 215 5.63 -10.08 11.53
C SER A 215 5.42 -9.82 13.02
N PRO A 216 5.45 -8.55 13.44
CA PRO A 216 5.50 -8.20 14.87
C PRO A 216 4.24 -8.51 15.67
N PHE A 217 3.06 -8.49 15.05
CA PHE A 217 1.81 -8.68 15.78
C PHE A 217 1.07 -9.95 15.40
N LEU A 218 1.63 -10.73 14.48
CA LEU A 218 0.93 -11.88 13.92
C LEU A 218 0.54 -12.92 14.97
N GLY A 219 -0.77 -13.20 15.05
CA GLY A 219 -1.27 -14.25 15.93
C GLY A 219 -1.70 -15.48 15.14
N ASP A 220 -2.24 -16.49 15.84
CA ASP A 220 -2.70 -17.71 15.16
C ASP A 220 -4.00 -17.49 14.39
N THR A 221 -4.70 -16.42 14.73
CA THR A 221 -5.92 -16.12 13.99
C THR A 221 -6.03 -14.63 13.75
N LYS A 222 -6.89 -14.27 12.80
CA LYS A 222 -7.22 -12.89 12.47
C LYS A 222 -7.48 -12.04 13.71
N GLN A 223 -8.36 -12.53 14.59
CA GLN A 223 -8.76 -11.76 15.77
C GLN A 223 -7.63 -11.59 16.77
N GLU A 224 -6.80 -12.63 16.95
CA GLU A 224 -5.68 -12.55 17.89
C GLU A 224 -4.64 -11.53 17.42
N THR A 225 -4.44 -11.45 16.11
CA THR A 225 -3.57 -10.44 15.54
C THR A 225 -4.12 -9.06 15.87
N LEU A 226 -5.43 -8.89 15.69
CA LEU A 226 -6.08 -7.63 15.97
C LEU A 226 -5.96 -7.25 17.45
N ALA A 227 -6.07 -8.25 18.33
CA ALA A 227 -5.93 -8.00 19.76
C ALA A 227 -4.50 -7.58 20.10
N ASN A 228 -3.53 -8.22 19.45
CA ASN A 228 -2.12 -7.89 19.65
C ASN A 228 -1.80 -6.45 19.22
N VAL A 229 -2.41 -6.04 18.10
CA VAL A 229 -2.21 -4.70 17.58
C VAL A 229 -2.74 -3.67 18.56
N SER A 230 -3.98 -3.87 19.03
CA SER A 230 -4.61 -2.92 19.95
C SER A 230 -3.83 -2.78 21.26
N ALA A 231 -3.21 -3.88 21.71
CA ALA A 231 -2.46 -3.86 22.95
C ALA A 231 -1.00 -3.43 22.75
N VAL A 232 -0.61 -3.19 21.49
CA VAL A 232 0.78 -2.95 21.13
C VAL A 232 1.67 -4.09 21.65
N ASN A 233 1.18 -5.30 21.44
CA ASN A 233 1.84 -6.53 21.86
C ASN A 233 2.89 -6.96 20.83
N TYR A 234 4.06 -6.32 20.88
CA TYR A 234 5.20 -6.71 20.06
C TYR A 234 6.51 -6.51 20.83
N GLU A 235 7.57 -7.19 20.41
CA GLU A 235 8.89 -6.99 21.01
C GLU A 235 9.97 -7.34 20.00
N PHE A 236 11.16 -6.83 20.21
CA PHE A 236 12.28 -7.12 19.32
C PHE A 236 13.01 -8.39 19.76
N GLU A 237 12.72 -9.51 19.10
CA GLU A 237 13.35 -10.78 19.45
C GLU A 237 14.86 -10.70 19.24
N ASP A 238 15.61 -11.06 20.29
CA ASP A 238 17.07 -11.07 20.22
C ASP A 238 17.58 -11.90 19.05
N GLU A 239 16.90 -13.01 18.75
CA GLU A 239 17.34 -13.90 17.69
C GLU A 239 17.33 -13.20 16.34
N TYR A 240 16.42 -12.24 16.19
CA TYR A 240 16.26 -11.52 14.93
C TYR A 240 17.00 -10.19 14.92
N PHE A 241 17.11 -9.55 16.07
CA PHE A 241 17.62 -8.18 16.12
C PHE A 241 18.96 -8.01 16.84
N SER A 242 19.62 -9.11 17.20
CA SER A 242 20.87 -9.03 17.97
C SER A 242 21.95 -8.19 17.30
N ASN A 243 21.99 -8.19 15.98
CA ASN A 243 22.96 -7.38 15.24
C ASN A 243 22.31 -6.25 14.42
N THR A 244 21.11 -5.85 14.84
CA THR A 244 20.43 -4.70 14.26
C THR A 244 20.74 -3.51 15.15
N SER A 245 20.94 -2.34 14.56
CA SER A 245 21.29 -1.15 15.34
C SER A 245 20.16 -0.71 16.26
N ALA A 246 20.52 -0.07 17.37
CA ALA A 246 19.52 0.42 18.30
C ALA A 246 18.73 1.57 17.67
N LEU A 247 19.34 2.24 16.70
CA LEU A 247 18.71 3.36 16.02
C LEU A 247 17.58 2.88 15.11
N ALA A 248 17.78 1.72 14.49
CA ALA A 248 16.73 1.10 13.68
C ALA A 248 15.56 0.66 14.57
N LYS A 249 15.88 0.17 15.75
CA LYS A 249 14.83 -0.20 16.69
C LYS A 249 14.10 1.04 17.16
N ASP A 250 14.84 2.13 17.36
CA ASP A 250 14.27 3.40 17.79
C ASP A 250 13.25 3.91 16.75
N PHE A 251 13.63 3.82 15.48
CA PHE A 251 12.76 4.21 14.36
C PHE A 251 11.43 3.46 14.44
N ILE A 252 11.50 2.14 14.54
CA ILE A 252 10.31 1.30 14.65
C ILE A 252 9.52 1.64 15.92
N ARG A 253 10.22 1.81 17.03
CA ARG A 253 9.57 2.08 18.30
C ARG A 253 8.74 3.37 18.28
N ARG A 254 9.20 4.36 17.52
CA ARG A 254 8.48 5.64 17.45
C ARG A 254 7.33 5.64 16.45
N LEU A 255 7.23 4.57 15.66
CA LEU A 255 6.11 4.39 14.74
C LEU A 255 5.03 3.47 15.33
N LEU A 256 5.45 2.44 16.05
CA LEU A 256 4.48 1.53 16.67
C LEU A 256 4.00 2.06 18.03
N VAL A 257 3.29 3.19 17.94
CA VAL A 257 2.80 3.91 19.10
C VAL A 257 1.29 3.99 18.99
N LYS A 258 0.59 3.54 20.04
CA LYS A 258 -0.87 3.47 20.03
C LYS A 258 -1.57 4.81 19.79
N ASP A 259 -1.17 5.83 20.55
CA ASP A 259 -1.73 7.17 20.36
C ASP A 259 -1.19 7.77 19.06
N PRO A 260 -2.09 7.99 18.08
CA PRO A 260 -1.71 8.51 16.76
C PRO A 260 -1.03 9.87 16.85
N LYS A 261 -1.37 10.63 17.89
CA LYS A 261 -0.83 11.97 18.08
C LYS A 261 0.59 11.97 18.66
N LYS A 262 1.01 10.82 19.19
CA LYS A 262 2.37 10.66 19.70
C LYS A 262 3.25 9.92 18.69
N ARG A 263 2.63 9.40 17.63
CA ARG A 263 3.32 8.63 16.59
C ARG A 263 4.10 9.57 15.65
N MET A 264 5.26 9.12 15.17
CA MET A 264 6.03 9.93 14.23
C MET A 264 5.22 10.24 12.98
N THR A 265 5.32 11.47 12.48
CA THR A 265 4.68 11.86 11.22
C THR A 265 5.61 11.46 10.08
N ILE A 266 5.14 11.57 8.85
CA ILE A 266 5.98 11.26 7.70
C ILE A 266 7.20 12.18 7.66
N GLN A 267 7.00 13.45 7.99
CA GLN A 267 8.11 14.40 8.09
C GLN A 267 9.10 14.06 9.22
N ASP A 268 8.58 13.59 10.36
CA ASP A 268 9.44 13.16 11.46
C ASP A 268 10.32 12.00 11.00
N SER A 269 9.71 11.03 10.33
CA SER A 269 10.43 9.83 9.90
C SER A 269 11.56 10.15 8.93
N LEU A 270 11.35 11.15 8.08
CA LEU A 270 12.39 11.55 7.13
C LEU A 270 13.56 12.27 7.81
N GLN A 271 13.29 12.85 8.98
CA GLN A 271 14.33 13.56 9.74
C GLN A 271 14.97 12.69 10.83
N HIS A 272 14.42 11.50 11.05
CA HIS A 272 14.96 10.57 12.05
C HIS A 272 16.40 10.20 11.68
N PRO A 273 17.31 10.18 12.67
CA PRO A 273 18.74 9.92 12.43
C PRO A 273 19.06 8.63 11.65
N TRP A 274 18.18 7.63 11.74
CA TRP A 274 18.40 6.39 11.00
C TRP A 274 18.18 6.60 9.49
N ILE A 275 17.29 7.52 9.14
CA ILE A 275 16.94 7.78 7.73
C ILE A 275 17.74 8.92 7.14
N LYS A 276 17.82 10.01 7.90
CA LYS A 276 18.44 11.27 7.44
C LYS A 276 19.92 11.14 7.07
N PRO A 277 20.29 11.64 5.87
CA PRO A 277 21.68 11.56 5.42
C PRO A 277 22.51 12.72 5.94
#